data_5ERM
#
_entry.id   5ERM
#
_cell.length_a   143.295
_cell.length_b   143.295
_cell.length_c   118.261
_cell.angle_alpha   90.00
_cell.angle_beta   90.00
_cell.angle_gamma   120.00
#
_symmetry.space_group_name_H-M   'P 32 2 1'
#
loop_
_entity.id
_entity.type
_entity.pdbx_description
1 polymer 'Fusicoccadiene synthase'
2 non-polymer PAMIDRONATE
3 non-polymer 'CHLORIDE ION'
4 non-polymer 'MAGNESIUM ION'
5 water water
#
_entity_poly.entity_id   1
_entity_poly.type   'polypeptide(L)'
_entity_poly.pdbx_seq_one_letter_code
;MGSSHHHHHHSSGLVPRGSMEFKYSEVVEPSTYYTEGLCEGIDVRKSKFTTLEDRGAIRAHEDWNKHIGPCREYRGTLGP
RFSFISVAVPECIPERLEVISYANEFAFLHDDVTDHVGHDTGEVENDEMMTVFLEAAHTGAIDTSNKVDIRRAGKKRIQS
QLFLEMLAIDPECAKTTMKSWARFVEVGSSRQHETRFVELAKYIPYRIMDVGEMFWFGLVTFGLGLHIPDHELELCRELM
ANAWIAVGLQNDIWSWPKERDAATLHGKDHVVNAIWVLMQEHQTDVDGAMQICRKLIVEYVAKYLEVIEATKNDESISLD
LRKYLDAMLYSISGNVVWSLECPRYNPDVSFNKTQLEWMRQGL
;
_entity_poly.pdbx_strand_id   A,B
#
loop_
_chem_comp.id
_chem_comp.type
_chem_comp.name
_chem_comp.formula
210 non-polymer PAMIDRONATE 'C3 H11 N O7 P2'
CL non-polymer 'CHLORIDE ION' 'Cl -1'
MG non-polymer 'MAGNESIUM ION' 'Mg 2'
#
# COMPACT_ATOMS: atom_id res chain seq x y z
N GLU A 21 -9.91 -1.71 18.53
CA GLU A 21 -10.95 -2.18 17.64
C GLU A 21 -10.76 -1.62 16.23
N PHE A 22 -10.61 -0.29 16.15
CA PHE A 22 -10.35 0.36 14.87
C PHE A 22 -8.88 0.78 14.78
N LYS A 23 -8.17 0.22 13.80
CA LYS A 23 -6.74 0.50 13.67
C LYS A 23 -6.33 0.79 12.22
N TYR A 24 -7.32 1.02 11.36
CA TYR A 24 -7.04 1.24 9.95
C TYR A 24 -7.74 2.49 9.41
N SER A 25 -8.48 3.19 10.27
CA SER A 25 -9.23 4.37 9.83
C SER A 25 -9.37 5.42 10.92
N GLU A 26 -9.83 6.60 10.53
CA GLU A 26 -10.07 7.69 11.45
C GLU A 26 -11.50 8.22 11.30
N VAL A 27 -12.01 8.84 12.36
CA VAL A 27 -13.34 9.44 12.32
C VAL A 27 -13.30 10.78 11.62
N VAL A 28 -14.18 10.97 10.64
CA VAL A 28 -14.26 12.24 9.91
C VAL A 28 -15.10 13.23 10.70
N GLU A 29 -14.61 14.46 10.80
CA GLU A 29 -15.27 15.52 11.56
C GLU A 29 -16.64 15.88 10.97
N PRO A 30 -17.71 15.74 11.78
CA PRO A 30 -19.10 16.01 11.41
C PRO A 30 -19.36 17.39 10.81
N SER A 31 -18.50 18.36 11.09
CA SER A 31 -18.70 19.72 10.59
C SER A 31 -18.05 19.91 9.21
N THR A 32 -17.56 18.83 8.61
CA THR A 32 -16.89 18.91 7.32
C THR A 32 -17.66 18.21 6.21
N TYR A 33 -18.69 17.47 6.57
CA TYR A 33 -19.48 16.74 5.57
C TYR A 33 -20.99 16.90 5.77
N TYR A 34 -21.74 16.62 4.71
CA TYR A 34 -23.19 16.65 4.77
C TYR A 34 -23.75 15.25 5.00
N THR A 35 -24.75 15.15 5.87
CA THR A 35 -25.40 13.88 6.18
C THR A 35 -26.85 13.91 5.71
N GLU A 36 -27.45 15.11 5.75
CA GLU A 36 -28.86 15.31 5.46
C GLU A 36 -29.74 14.54 6.44
N GLY A 37 -29.17 14.18 7.59
CA GLY A 37 -29.90 13.46 8.61
C GLY A 37 -30.26 12.02 8.22
N LEU A 38 -29.47 11.44 7.34
CA LEU A 38 -29.77 10.11 6.82
C LEU A 38 -28.84 9.03 7.35
N CYS A 39 -28.10 9.34 8.41
CA CYS A 39 -27.30 8.35 9.12
C CYS A 39 -27.02 8.81 10.56
N GLU A 40 -28.09 9.09 11.29
CA GLU A 40 -27.98 9.58 12.66
C GLU A 40 -27.46 8.52 13.62
N GLY A 41 -26.46 8.89 14.42
CA GLY A 41 -25.91 7.99 15.42
C GLY A 41 -24.75 7.16 14.91
N ILE A 42 -24.32 7.43 13.69
CA ILE A 42 -23.21 6.68 13.09
C ILE A 42 -22.05 7.59 12.71
N ASP A 43 -20.84 7.23 13.14
CA ASP A 43 -19.65 7.96 12.76
C ASP A 43 -19.33 7.76 11.30
N VAL A 44 -18.75 8.78 10.67
CA VAL A 44 -18.24 8.63 9.32
C VAL A 44 -16.74 8.38 9.40
N ARG A 45 -16.33 7.16 9.07
CA ARG A 45 -14.93 6.78 9.13
C ARG A 45 -14.34 6.60 7.74
N LYS A 46 -13.11 7.08 7.58
CA LYS A 46 -12.42 7.04 6.29
C LYS A 46 -11.12 6.27 6.40
N SER A 47 -10.88 5.38 5.45
CA SER A 47 -9.67 4.56 5.45
C SER A 47 -8.40 5.41 5.42
N LYS A 48 -7.41 5.00 6.19
CA LYS A 48 -6.16 5.75 6.31
C LYS A 48 -5.27 5.56 5.09
N PHE A 49 -5.72 4.69 4.19
CA PHE A 49 -4.95 4.36 2.98
C PHE A 49 -5.82 4.52 1.73
N THR A 50 -6.51 5.65 1.64
CA THR A 50 -7.49 5.88 0.57
C THR A 50 -6.86 5.93 -0.82
N THR A 51 -5.54 6.12 -0.88
CA THR A 51 -4.84 6.19 -2.16
C THR A 51 -4.67 4.79 -2.76
N LEU A 52 -4.95 3.76 -1.96
CA LEU A 52 -4.87 2.39 -2.45
C LEU A 52 -6.13 2.02 -3.22
N GLU A 53 -7.25 2.61 -2.83
CA GLU A 53 -8.50 2.39 -3.57
C GLU A 53 -8.40 2.98 -4.97
N ASP A 54 -7.73 4.13 -5.07
CA ASP A 54 -7.54 4.81 -6.34
C ASP A 54 -6.83 3.93 -7.36
N ARG A 55 -5.65 3.45 -7.00
CA ARG A 55 -4.84 2.65 -7.91
C ARG A 55 -5.55 1.36 -8.28
N GLY A 56 -6.22 0.75 -7.31
CA GLY A 56 -6.95 -0.48 -7.54
C GLY A 56 -8.14 -0.25 -8.48
N ALA A 57 -8.77 0.89 -8.33
CA ALA A 57 -9.94 1.25 -9.14
C ALA A 57 -9.53 1.64 -10.55
N ILE A 58 -8.48 2.45 -10.66
CA ILE A 58 -8.01 2.95 -11.94
C ILE A 58 -7.43 1.83 -12.81
N ARG A 59 -6.78 0.86 -12.17
CA ARG A 59 -6.22 -0.26 -12.92
C ARG A 59 -7.33 -1.10 -13.53
N ALA A 60 -8.52 -1.06 -12.92
CA ALA A 60 -9.68 -1.73 -13.47
C ALA A 60 -10.14 -1.03 -14.73
N HIS A 61 -9.97 0.29 -14.77
CA HIS A 61 -10.27 1.08 -15.95
C HIS A 61 -9.34 0.68 -17.10
N GLU A 62 -8.05 0.58 -16.78
CA GLU A 62 -7.03 0.26 -17.77
C GLU A 62 -7.19 -1.16 -18.30
N ASP A 63 -7.48 -2.09 -17.40
CA ASP A 63 -7.74 -3.47 -17.79
C ASP A 63 -9.01 -3.56 -18.63
N TRP A 64 -9.97 -2.68 -18.34
CA TRP A 64 -11.19 -2.58 -19.13
C TRP A 64 -10.86 -2.01 -20.50
N ASN A 65 -10.08 -0.93 -20.50
CA ASN A 65 -9.69 -0.24 -21.74
C ASN A 65 -8.78 -1.10 -22.62
N LYS A 66 -8.09 -2.04 -22.01
CA LYS A 66 -7.12 -2.87 -22.74
C LYS A 66 -7.72 -4.18 -23.24
N HIS A 67 -8.77 -4.66 -22.60
CA HIS A 67 -9.25 -6.01 -22.87
C HIS A 67 -10.69 -6.14 -23.37
N ILE A 68 -11.56 -5.19 -23.03
CA ILE A 68 -12.97 -5.32 -23.44
C ILE A 68 -13.50 -4.10 -24.21
N GLY A 69 -12.96 -2.91 -23.93
CA GLY A 69 -13.44 -1.72 -24.59
C GLY A 69 -13.06 -0.42 -23.88
N PRO A 70 -13.25 0.72 -24.57
CA PRO A 70 -12.84 2.05 -24.12
C PRO A 70 -13.23 2.38 -22.68
N CYS A 71 -12.26 2.82 -21.89
CA CYS A 71 -12.50 3.19 -20.50
C CYS A 71 -11.44 4.16 -19.99
N ARG A 72 -11.80 5.44 -19.94
CA ARG A 72 -10.90 6.47 -19.47
C ARG A 72 -11.60 7.45 -18.54
N GLU A 73 -11.09 7.57 -17.32
CA GLU A 73 -11.65 8.45 -16.31
C GLU A 73 -13.12 8.12 -16.05
N TYR A 74 -13.37 6.88 -15.65
CA TYR A 74 -14.71 6.37 -15.42
C TYR A 74 -15.23 6.76 -14.02
N ARG A 75 -16.47 7.22 -13.97
CA ARG A 75 -17.08 7.63 -12.72
C ARG A 75 -17.80 6.48 -12.04
N GLY A 76 -17.14 5.86 -11.06
CA GLY A 76 -17.72 4.74 -10.35
C GLY A 76 -17.57 4.84 -8.84
N THR A 77 -16.71 4.01 -8.28
CA THR A 77 -16.50 3.95 -6.83
C THR A 77 -15.70 5.14 -6.31
N LEU A 78 -15.03 5.84 -7.21
CA LEU A 78 -14.09 6.89 -6.82
C LEU A 78 -14.76 8.24 -6.59
N GLY A 79 -14.26 8.95 -5.59
CA GLY A 79 -14.68 10.32 -5.31
C GLY A 79 -13.47 11.16 -4.99
N PRO A 80 -13.58 12.48 -5.14
CA PRO A 80 -12.44 13.38 -4.90
C PRO A 80 -12.03 13.41 -3.43
N ARG A 81 -12.99 13.20 -2.55
CA ARG A 81 -12.73 13.26 -1.12
C ARG A 81 -13.14 11.97 -0.44
N PHE A 82 -14.33 11.48 -0.75
CA PHE A 82 -14.79 10.21 -0.21
C PHE A 82 -15.03 9.18 -1.30
N SER A 83 -14.08 8.26 -1.46
CA SER A 83 -14.28 7.10 -2.32
C SER A 83 -15.11 6.08 -1.55
N PHE A 84 -15.90 5.28 -2.27
CA PHE A 84 -16.88 4.39 -1.66
C PHE A 84 -16.28 3.44 -0.62
N ILE A 85 -15.34 2.60 -1.04
CA ILE A 85 -14.77 1.60 -0.16
C ILE A 85 -13.95 2.19 0.99
N SER A 86 -13.22 3.26 0.70
CA SER A 86 -12.41 3.92 1.73
C SER A 86 -13.27 4.49 2.85
N VAL A 87 -14.54 4.75 2.51
CA VAL A 87 -15.47 5.27 3.56
CA VAL A 87 -15.56 5.20 3.44
C VAL A 87 -16.75 4.31 4.03
N ALA A 88 -16.86 3.29 3.17
CA ALA A 88 -17.90 2.32 3.52
C ALA A 88 -17.26 1.10 4.19
N VAL A 89 -16.04 0.77 3.77
CA VAL A 89 -15.26 -0.27 4.44
C VAL A 89 -13.93 0.34 4.90
N PRO A 90 -13.98 1.21 5.92
CA PRO A 90 -12.80 1.96 6.36
C PRO A 90 -11.79 1.11 7.11
N GLU A 91 -12.25 0.02 7.73
CA GLU A 91 -11.36 -0.86 8.48
C GLU A 91 -10.92 -2.05 7.65
N CYS A 92 -10.90 -1.87 6.33
CA CYS A 92 -10.41 -2.91 5.43
C CYS A 92 -8.91 -3.11 5.62
N ILE A 93 -8.48 -4.37 5.60
CA ILE A 93 -7.06 -4.70 5.71
C ILE A 93 -6.29 -4.07 4.55
N PRO A 94 -5.34 -3.18 4.87
CA PRO A 94 -4.57 -2.35 3.93
C PRO A 94 -4.04 -3.09 2.72
N GLU A 95 -3.55 -4.31 2.94
CA GLU A 95 -2.97 -5.11 1.86
C GLU A 95 -4.05 -5.65 0.92
N ARG A 96 -5.29 -5.62 1.39
CA ARG A 96 -6.42 -6.11 0.60
C ARG A 96 -7.22 -4.96 0.02
N LEU A 97 -6.85 -3.74 0.36
CA LEU A 97 -7.63 -2.56 -0.02
C LEU A 97 -7.65 -2.32 -1.53
N GLU A 98 -6.53 -2.59 -2.18
CA GLU A 98 -6.42 -2.38 -3.63
C GLU A 98 -7.29 -3.36 -4.43
N VAL A 99 -7.25 -4.63 -4.06
CA VAL A 99 -7.94 -5.67 -4.82
C VAL A 99 -9.46 -5.59 -4.64
N ILE A 100 -9.91 -5.06 -3.51
CA ILE A 100 -11.34 -4.91 -3.27
C ILE A 100 -11.89 -3.77 -4.12
N SER A 101 -11.08 -2.73 -4.29
CA SER A 101 -11.46 -1.58 -5.11
C SER A 101 -11.44 -1.96 -6.58
N TYR A 102 -10.58 -2.91 -6.92
CA TYR A 102 -10.50 -3.42 -8.27
C TYR A 102 -11.78 -4.17 -8.63
N ALA A 103 -12.31 -4.93 -7.68
CA ALA A 103 -13.53 -5.69 -7.89
C ALA A 103 -14.76 -4.80 -7.87
N ASN A 104 -14.74 -3.78 -7.02
CA ASN A 104 -15.88 -2.88 -6.87
C ASN A 104 -16.14 -2.06 -8.12
N GLU A 105 -15.07 -1.70 -8.84
CA GLU A 105 -15.22 -0.99 -10.10
C GLU A 105 -15.82 -1.87 -11.17
N PHE A 106 -15.32 -3.10 -11.26
CA PHE A 106 -15.87 -4.08 -12.21
C PHE A 106 -17.34 -4.36 -11.90
N ALA A 107 -17.71 -4.22 -10.64
CA ALA A 107 -19.11 -4.32 -10.24
C ALA A 107 -19.89 -3.13 -10.76
N PHE A 108 -19.34 -1.94 -10.57
CA PHE A 108 -19.93 -0.72 -11.09
C PHE A 108 -19.93 -0.72 -12.62
N LEU A 109 -18.86 -1.30 -13.20
CA LEU A 109 -18.72 -1.36 -14.65
C LEU A 109 -19.68 -2.37 -15.28
N HIS A 110 -20.28 -3.22 -14.45
CA HIS A 110 -21.18 -4.25 -14.95
C HIS A 110 -22.65 -3.88 -14.75
N ASP A 111 -22.94 -3.12 -13.69
CA ASP A 111 -24.29 -2.66 -13.42
C ASP A 111 -24.78 -1.74 -14.52
N ASP A 112 -23.85 -1.00 -15.11
CA ASP A 112 -24.16 -0.09 -16.22
C ASP A 112 -24.45 -0.89 -17.49
N VAL A 113 -23.83 -2.06 -17.60
CA VAL A 113 -24.10 -2.95 -18.74
C VAL A 113 -25.47 -3.58 -18.58
N THR A 114 -25.83 -3.87 -17.34
CA THR A 114 -27.15 -4.40 -17.03
C THR A 114 -28.23 -3.39 -17.38
N ASP A 115 -27.96 -2.12 -17.12
CA ASP A 115 -28.93 -1.05 -17.36
C ASP A 115 -28.67 -0.35 -18.70
N GLY A 154 -16.50 -13.71 -25.98
CA GLY A 154 -16.27 -12.76 -24.90
C GLY A 154 -14.95 -12.99 -24.20
N LYS A 155 -13.99 -12.13 -24.46
CA LYS A 155 -12.67 -12.23 -23.83
C LYS A 155 -12.66 -11.55 -22.47
N LYS A 156 -13.81 -11.53 -21.81
CA LYS A 156 -13.94 -10.97 -20.48
C LYS A 156 -13.85 -12.05 -19.42
N ARG A 157 -13.74 -13.30 -19.87
CA ARG A 157 -13.57 -14.43 -18.96
C ARG A 157 -12.13 -14.49 -18.45
N ILE A 158 -11.29 -13.59 -18.95
CA ILE A 158 -9.90 -13.52 -18.52
C ILE A 158 -9.79 -12.66 -17.27
N GLN A 159 -10.76 -12.80 -16.37
CA GLN A 159 -10.70 -12.11 -15.09
C GLN A 159 -10.45 -13.12 -13.98
N SER A 160 -9.88 -14.26 -14.36
CA SER A 160 -9.46 -15.27 -13.40
C SER A 160 -8.18 -14.81 -12.71
N GLN A 161 -7.53 -13.81 -13.30
CA GLN A 161 -6.36 -13.18 -12.70
C GLN A 161 -6.76 -12.47 -11.40
N LEU A 162 -8.01 -12.00 -11.34
CA LEU A 162 -8.55 -11.40 -10.13
C LEU A 162 -8.71 -12.45 -9.04
N PHE A 163 -9.32 -13.57 -9.41
CA PHE A 163 -9.57 -14.65 -8.47
C PHE A 163 -8.26 -15.26 -7.96
N LEU A 164 -7.39 -15.62 -8.89
CA LEU A 164 -6.11 -16.24 -8.56
C LEU A 164 -5.24 -15.34 -7.67
N GLU A 165 -5.49 -14.04 -7.75
CA GLU A 165 -4.78 -13.07 -6.92
C GLU A 165 -5.25 -13.18 -5.47
N MET A 166 -6.51 -13.55 -5.28
CA MET A 166 -7.10 -13.63 -3.95
C MET A 166 -6.70 -14.91 -3.21
N LEU A 167 -6.29 -15.93 -3.94
CA LEU A 167 -5.82 -17.16 -3.31
C LEU A 167 -4.40 -16.97 -2.77
N ALA A 168 -3.69 -15.99 -3.33
CA ALA A 168 -2.35 -15.64 -2.89
C ALA A 168 -2.40 -14.92 -1.56
N ILE A 169 -3.56 -14.35 -1.25
CA ILE A 169 -3.76 -13.62 0.00
C ILE A 169 -4.41 -14.54 1.04
N ASP A 170 -5.64 -14.95 0.76
CA ASP A 170 -6.38 -15.81 1.67
C ASP A 170 -7.22 -16.82 0.91
N PRO A 171 -6.83 -18.10 0.97
CA PRO A 171 -7.51 -19.20 0.29
C PRO A 171 -8.95 -19.42 0.76
N GLU A 172 -9.14 -19.65 2.05
CA GLU A 172 -10.45 -19.98 2.59
C GLU A 172 -11.45 -18.83 2.49
N CYS A 173 -10.98 -17.60 2.71
CA CYS A 173 -11.87 -16.44 2.64
C CYS A 173 -12.32 -16.16 1.21
N ALA A 174 -11.42 -16.39 0.25
CA ALA A 174 -11.74 -16.14 -1.15
C ALA A 174 -12.64 -17.23 -1.72
N LYS A 175 -12.39 -18.48 -1.33
CA LYS A 175 -13.13 -19.61 -1.85
C LYS A 175 -14.61 -19.52 -1.51
N THR A 176 -14.92 -18.97 -0.34
CA THR A 176 -16.31 -18.76 0.08
C THR A 176 -16.91 -17.56 -0.64
N THR A 177 -16.09 -16.51 -0.79
CA THR A 177 -16.51 -15.28 -1.45
C THR A 177 -16.85 -15.52 -2.92
N MET A 178 -15.98 -16.26 -3.62
CA MET A 178 -16.21 -16.61 -5.01
C MET A 178 -17.49 -17.44 -5.15
N LYS A 179 -17.73 -18.29 -4.15
CA LYS A 179 -18.95 -19.10 -4.13
C LYS A 179 -20.13 -18.27 -3.66
N SER A 180 -19.84 -17.20 -2.93
CA SER A 180 -20.87 -16.26 -2.51
C SER A 180 -21.31 -15.40 -3.70
N TRP A 181 -20.42 -15.25 -4.66
CA TRP A 181 -20.73 -14.50 -5.88
C TRP A 181 -21.36 -15.41 -6.94
N ALA A 182 -21.25 -16.72 -6.72
CA ALA A 182 -21.90 -17.69 -7.58
C ALA A 182 -23.41 -17.54 -7.46
N ARG A 183 -23.90 -17.61 -6.24
CA ARG A 183 -25.33 -17.42 -5.95
C ARG A 183 -25.80 -16.04 -6.40
N PHE A 184 -24.88 -15.09 -6.47
CA PHE A 184 -25.20 -13.73 -6.88
C PHE A 184 -25.43 -13.63 -8.39
N VAL A 185 -24.42 -14.06 -9.15
CA VAL A 185 -24.46 -13.96 -10.61
C VAL A 185 -25.49 -14.92 -11.22
N GLU A 186 -25.54 -16.14 -10.69
CA GLU A 186 -26.38 -17.19 -11.28
C GLU A 186 -27.88 -16.99 -11.03
N VAL A 187 -28.23 -16.38 -9.89
CA VAL A 187 -29.63 -16.16 -9.56
C VAL A 187 -29.98 -14.68 -9.71
N GLY A 188 -29.15 -13.96 -10.46
CA GLY A 188 -29.39 -12.55 -10.72
C GLY A 188 -30.13 -12.32 -12.02
N SER A 189 -29.76 -13.09 -13.04
CA SER A 189 -30.36 -12.95 -14.36
C SER A 189 -31.80 -13.44 -14.38
N SER A 190 -32.12 -14.40 -13.51
CA SER A 190 -33.46 -14.96 -13.45
C SER A 190 -34.47 -13.93 -12.93
N THR A 195 -40.31 -7.88 -12.47
CA THR A 195 -39.91 -6.53 -12.83
C THR A 195 -41.10 -5.56 -12.70
N ARG A 196 -40.81 -4.27 -12.81
CA ARG A 196 -41.85 -3.24 -12.71
C ARG A 196 -42.69 -3.39 -11.45
N PHE A 197 -42.30 -2.69 -10.39
CA PHE A 197 -42.98 -2.80 -9.10
C PHE A 197 -43.78 -1.53 -8.79
N VAL A 198 -45.03 -1.71 -8.39
CA VAL A 198 -45.89 -0.58 -8.06
C VAL A 198 -46.23 -0.57 -6.57
N GLU A 199 -45.78 -1.58 -5.87
CA GLU A 199 -45.98 -1.67 -4.42
C GLU A 199 -44.64 -1.80 -3.71
N LEU A 200 -44.43 -0.99 -2.69
CA LEU A 200 -43.13 -0.92 -2.01
C LEU A 200 -42.83 -2.20 -1.22
N ALA A 201 -43.87 -2.82 -0.69
CA ALA A 201 -43.70 -4.04 0.10
C ALA A 201 -43.20 -5.19 -0.76
N LYS A 202 -43.42 -5.09 -2.07
CA LYS A 202 -42.98 -6.11 -3.02
C LYS A 202 -41.62 -5.73 -3.62
N TYR A 203 -41.31 -4.44 -3.62
CA TYR A 203 -40.08 -3.93 -4.21
C TYR A 203 -38.88 -4.16 -3.29
N ILE A 204 -39.11 -4.10 -1.99
CA ILE A 204 -38.06 -4.28 -0.99
C ILE A 204 -37.34 -5.64 -1.11
N PRO A 205 -38.08 -6.75 -1.25
CA PRO A 205 -37.36 -8.01 -1.42
C PRO A 205 -36.48 -8.04 -2.68
N TYR A 206 -36.96 -7.46 -3.76
CA TYR A 206 -36.22 -7.42 -5.02
C TYR A 206 -35.00 -6.52 -4.94
N ARG A 207 -35.21 -5.28 -4.49
CA ARG A 207 -34.14 -4.29 -4.43
C ARG A 207 -33.01 -4.72 -3.50
N ILE A 208 -33.37 -5.46 -2.46
CA ILE A 208 -32.41 -6.01 -1.52
C ILE A 208 -31.38 -6.86 -2.28
N MET A 209 -31.83 -7.54 -3.33
CA MET A 209 -30.94 -8.33 -4.18
C MET A 209 -30.26 -7.45 -5.23
N ASP A 210 -31.04 -6.56 -5.84
CA ASP A 210 -30.59 -5.77 -6.98
C ASP A 210 -29.46 -4.81 -6.64
N VAL A 211 -29.32 -4.46 -5.36
CA VAL A 211 -28.25 -3.57 -4.93
C VAL A 211 -26.96 -4.38 -4.75
N GLY A 212 -27.11 -5.66 -4.41
CA GLY A 212 -25.97 -6.55 -4.28
C GLY A 212 -25.60 -6.86 -2.84
N GLU A 213 -26.45 -7.61 -2.16
CA GLU A 213 -26.18 -8.00 -0.77
C GLU A 213 -25.17 -9.14 -0.72
N MET A 214 -25.35 -10.14 -1.59
CA MET A 214 -24.46 -11.29 -1.63
C MET A 214 -23.05 -10.89 -2.07
N PHE A 215 -22.99 -9.97 -3.04
CA PHE A 215 -21.71 -9.45 -3.51
C PHE A 215 -20.99 -8.70 -2.39
N TRP A 216 -21.75 -7.94 -1.62
CA TRP A 216 -21.19 -7.13 -0.55
C TRP A 216 -20.77 -8.00 0.63
N PHE A 217 -21.52 -9.06 0.89
CA PHE A 217 -21.19 -10.00 1.96
C PHE A 217 -19.82 -10.63 1.72
N GLY A 218 -19.61 -11.13 0.50
CA GLY A 218 -18.34 -11.74 0.15
C GLY A 218 -17.22 -10.73 0.07
N LEU A 219 -17.56 -9.48 -0.23
CA LEU A 219 -16.56 -8.44 -0.41
C LEU A 219 -16.01 -7.93 0.91
N VAL A 220 -16.90 -7.68 1.87
CA VAL A 220 -16.51 -7.17 3.18
C VAL A 220 -15.79 -8.22 4.02
N THR A 221 -16.33 -9.44 4.02
CA THR A 221 -15.76 -10.54 4.80
C THR A 221 -14.33 -10.84 4.40
N PHE A 222 -14.00 -10.63 3.13
CA PHE A 222 -12.64 -10.83 2.65
C PHE A 222 -11.76 -9.67 3.08
N GLY A 223 -12.29 -8.46 2.99
CA GLY A 223 -11.56 -7.26 3.35
C GLY A 223 -11.35 -7.13 4.85
N LEU A 224 -12.13 -7.89 5.62
CA LEU A 224 -12.02 -7.87 7.08
C LEU A 224 -11.46 -9.19 7.60
N GLY A 225 -11.33 -10.16 6.71
CA GLY A 225 -10.81 -11.47 7.06
C GLY A 225 -11.69 -12.21 8.06
N LEU A 226 -12.99 -12.24 7.77
CA LEU A 226 -13.96 -12.88 8.66
C LEU A 226 -14.35 -14.27 8.17
N HIS A 227 -14.36 -15.22 9.08
CA HIS A 227 -14.73 -16.60 8.76
C HIS A 227 -16.02 -17.00 9.45
N ILE A 228 -17.15 -16.71 8.81
CA ILE A 228 -18.45 -17.09 9.35
C ILE A 228 -18.77 -18.54 9.00
N PRO A 229 -19.05 -19.36 10.03
CA PRO A 229 -19.44 -20.75 9.81
C PRO A 229 -20.68 -20.86 8.92
N ASP A 230 -20.78 -21.93 8.16
CA ASP A 230 -21.78 -22.06 7.11
C ASP A 230 -23.23 -22.12 7.61
N HIS A 231 -23.41 -22.17 8.93
CA HIS A 231 -24.75 -22.29 9.50
C HIS A 231 -25.35 -20.94 9.89
N GLU A 232 -24.52 -19.92 9.96
CA GLU A 232 -24.97 -18.57 10.28
C GLU A 232 -25.29 -17.75 9.03
N LEU A 233 -25.04 -18.34 7.86
CA LEU A 233 -25.21 -17.64 6.59
C LEU A 233 -26.67 -17.26 6.37
N GLU A 234 -27.58 -18.11 6.82
CA GLU A 234 -29.01 -17.84 6.73
C GLU A 234 -29.43 -16.90 7.85
N LEU A 235 -28.73 -16.99 8.99
CA LEU A 235 -28.93 -16.09 10.13
C LEU A 235 -28.54 -14.62 9.88
N CYS A 236 -27.40 -14.42 9.22
CA CYS A 236 -26.84 -13.09 8.99
C CYS A 236 -27.74 -12.17 8.17
N ARG A 237 -28.33 -12.72 7.10
CA ARG A 237 -29.09 -11.92 6.15
C ARG A 237 -30.43 -11.44 6.72
N GLU A 238 -30.85 -12.05 7.83
CA GLU A 238 -32.13 -11.72 8.44
C GLU A 238 -31.93 -10.71 9.58
N LEU A 239 -30.68 -10.42 9.88
CA LEU A 239 -30.37 -9.25 10.75
CA LEU A 239 -30.03 -9.32 10.62
C LEU A 239 -29.85 -7.78 10.27
N MET A 240 -29.53 -7.82 8.98
CA MET A 240 -29.20 -6.57 8.32
C MET A 240 -30.28 -6.13 7.35
N ALA A 241 -31.52 -6.57 7.58
CA ALA A 241 -32.64 -6.20 6.73
C ALA A 241 -32.83 -4.69 6.72
N ASN A 242 -32.90 -4.11 7.91
CA ASN A 242 -33.07 -2.67 8.07
C ASN A 242 -31.92 -1.87 7.45
N ALA A 243 -30.72 -2.42 7.55
CA ALA A 243 -29.53 -1.75 7.01
C ALA A 243 -29.54 -1.78 5.49
N TRP A 244 -29.95 -2.92 4.93
CA TRP A 244 -29.97 -3.09 3.48
C TRP A 244 -31.12 -2.34 2.82
N ILE A 245 -32.22 -2.22 3.55
CA ILE A 245 -33.35 -1.42 3.08
C ILE A 245 -32.95 0.05 3.10
N ALA A 246 -32.15 0.43 4.10
CA ALA A 246 -31.68 1.80 4.24
C ALA A 246 -30.84 2.23 3.04
N VAL A 247 -29.78 1.48 2.75
CA VAL A 247 -28.86 1.83 1.66
C VAL A 247 -29.51 1.68 0.30
N GLY A 248 -30.55 0.84 0.22
CA GLY A 248 -31.26 0.64 -1.03
C GLY A 248 -32.09 1.85 -1.39
N LEU A 249 -32.75 2.42 -0.38
CA LEU A 249 -33.55 3.62 -0.57
C LEU A 249 -32.66 4.85 -0.78
N GLN A 250 -31.52 4.85 -0.09
CA GLN A 250 -30.54 5.93 -0.21
C GLN A 250 -30.06 6.04 -1.66
N ASN A 251 -29.61 4.92 -2.22
CA ASN A 251 -29.14 4.89 -3.59
C ASN A 251 -30.22 5.26 -4.60
N ASP A 252 -31.44 4.76 -4.35
CA ASP A 252 -32.57 5.03 -5.23
C ASP A 252 -32.92 6.52 -5.27
N ILE A 253 -32.48 7.26 -4.25
CA ILE A 253 -32.71 8.71 -4.21
C ILE A 253 -31.66 9.45 -5.04
N TRP A 254 -30.40 9.08 -4.88
CA TRP A 254 -29.30 9.80 -5.50
C TRP A 254 -28.93 9.26 -6.88
N SER A 255 -29.31 8.02 -7.16
CA SER A 255 -29.13 7.46 -8.50
C SER A 255 -30.38 7.70 -9.34
N TRP A 256 -31.41 8.27 -8.70
CA TRP A 256 -32.68 8.55 -9.36
C TRP A 256 -32.56 9.37 -10.64
N PRO A 257 -31.79 10.48 -10.62
CA PRO A 257 -31.70 11.26 -11.87
C PRO A 257 -31.11 10.46 -13.03
N LYS A 258 -30.03 9.72 -12.78
CA LYS A 258 -29.37 8.97 -13.85
C LYS A 258 -30.18 7.74 -14.27
N GLU A 259 -31.00 7.24 -13.36
CA GLU A 259 -31.80 6.05 -13.63
C GLU A 259 -33.15 6.42 -14.24
N ARG A 260 -33.64 7.61 -13.91
CA ARG A 260 -34.84 8.16 -14.53
C ARG A 260 -34.53 8.55 -15.97
N ASP A 261 -33.36 9.14 -16.19
CA ASP A 261 -32.90 9.48 -17.53
C ASP A 261 -32.68 8.23 -18.35
N ALA A 262 -32.32 7.15 -17.67
CA ALA A 262 -32.06 5.87 -18.33
C ALA A 262 -33.35 5.25 -18.85
N ALA A 263 -34.39 5.31 -18.03
CA ALA A 263 -35.69 4.74 -18.39
C ALA A 263 -36.37 5.55 -19.49
N THR A 264 -35.90 6.77 -19.69
CA THR A 264 -36.47 7.67 -20.69
C THR A 264 -36.04 7.25 -22.10
N LEU A 265 -34.88 6.61 -22.20
CA LEU A 265 -34.32 6.24 -23.49
C LEU A 265 -34.77 4.86 -23.96
N HIS A 266 -34.79 3.90 -23.05
CA HIS A 266 -35.16 2.53 -23.39
C HIS A 266 -36.61 2.43 -23.90
N GLY A 267 -37.43 3.41 -23.53
CA GLY A 267 -38.83 3.39 -23.86
C GLY A 267 -39.63 2.89 -22.68
N LYS A 268 -38.96 2.78 -21.54
CA LYS A 268 -39.58 2.30 -20.31
C LYS A 268 -40.72 3.21 -19.87
N ASP A 269 -41.88 2.61 -19.63
CA ASP A 269 -43.01 3.33 -19.06
C ASP A 269 -42.90 3.35 -17.55
N HIS A 270 -41.90 2.62 -17.03
CA HIS A 270 -41.68 2.51 -15.61
C HIS A 270 -40.22 2.75 -15.25
N VAL A 271 -39.96 2.98 -13.96
CA VAL A 271 -38.59 3.09 -13.46
C VAL A 271 -38.43 2.18 -12.25
N VAL A 272 -37.54 1.20 -12.35
CA VAL A 272 -37.28 0.30 -11.23
C VAL A 272 -36.52 1.05 -10.13
N ASN A 273 -37.18 2.06 -9.56
CA ASN A 273 -36.61 2.90 -8.51
C ASN A 273 -37.69 3.18 -7.48
N ALA A 274 -37.29 3.25 -6.21
CA ALA A 274 -38.23 3.46 -5.11
C ALA A 274 -39.06 4.73 -5.31
N ILE A 275 -38.42 5.76 -5.88
CA ILE A 275 -39.09 7.02 -6.13
C ILE A 275 -40.30 6.84 -7.06
N TRP A 276 -40.09 6.17 -8.19
CA TRP A 276 -41.19 5.90 -9.11
C TRP A 276 -42.23 5.01 -8.46
N VAL A 277 -41.78 3.99 -7.73
CA VAL A 277 -42.67 3.07 -7.04
C VAL A 277 -43.60 3.82 -6.08
N LEU A 278 -43.04 4.74 -5.31
CA LEU A 278 -43.82 5.50 -4.34
C LEU A 278 -44.81 6.43 -5.04
N MET A 279 -44.41 6.94 -6.21
CA MET A 279 -45.28 7.82 -6.99
C MET A 279 -46.53 7.08 -7.49
N GLN A 280 -46.40 5.78 -7.73
CA GLN A 280 -47.52 4.98 -8.18
C GLN A 280 -48.39 4.52 -7.02
N GLU A 281 -47.74 4.04 -5.96
CA GLU A 281 -48.43 3.47 -4.81
C GLU A 281 -49.18 4.54 -3.99
N HIS A 282 -48.67 5.76 -4.01
CA HIS A 282 -49.24 6.82 -3.18
C HIS A 282 -49.90 7.93 -3.99
N GLN A 283 -49.94 7.76 -5.31
CA GLN A 283 -50.54 8.74 -6.22
C GLN A 283 -49.96 10.14 -6.01
N THR A 284 -48.65 10.23 -5.79
CA THR A 284 -47.99 11.51 -5.58
C THR A 284 -46.92 11.76 -6.63
N ASP A 285 -46.32 12.95 -6.60
CA ASP A 285 -45.30 13.31 -7.59
C ASP A 285 -43.90 12.98 -7.12
N VAL A 286 -42.90 13.57 -7.77
CA VAL A 286 -41.50 13.28 -7.48
C VAL A 286 -41.09 13.74 -6.09
N ASP A 287 -41.36 15.00 -5.78
CA ASP A 287 -41.00 15.58 -4.48
C ASP A 287 -41.73 14.88 -3.34
N GLY A 288 -42.96 14.45 -3.61
CA GLY A 288 -43.74 13.75 -2.60
C GLY A 288 -43.14 12.40 -2.27
N ALA A 289 -42.61 11.73 -3.29
CA ALA A 289 -41.98 10.43 -3.12
C ALA A 289 -40.65 10.56 -2.39
N MET A 290 -39.92 11.63 -2.69
CA MET A 290 -38.65 11.91 -2.04
C MET A 290 -38.82 12.06 -0.52
N GLN A 291 -39.83 12.84 -0.12
CA GLN A 291 -40.11 13.09 1.29
C GLN A 291 -40.45 11.81 2.02
N ILE A 292 -41.27 10.97 1.39
CA ILE A 292 -41.64 9.68 1.96
C ILE A 292 -40.43 8.77 2.05
N CYS A 293 -39.63 8.74 0.99
CA CYS A 293 -38.45 7.88 0.93
C CYS A 293 -37.44 8.25 2.01
N ARG A 294 -37.19 9.55 2.17
CA ARG A 294 -36.26 10.03 3.19
C ARG A 294 -36.74 9.69 4.59
N LYS A 295 -38.06 9.76 4.78
CA LYS A 295 -38.65 9.46 6.08
C LYS A 295 -38.44 8.01 6.45
N LEU A 296 -38.57 7.12 5.47
CA LEU A 296 -38.39 5.69 5.68
C LEU A 296 -36.94 5.34 5.99
N ILE A 297 -36.01 6.00 5.29
CA ILE A 297 -34.58 5.76 5.49
C ILE A 297 -34.19 6.00 6.94
N VAL A 298 -34.60 7.14 7.48
CA VAL A 298 -34.32 7.50 8.87
C VAL A 298 -34.85 6.44 9.84
N GLU A 299 -36.06 5.94 9.57
CA GLU A 299 -36.67 4.93 10.41
C GLU A 299 -35.95 3.59 10.32
N TYR A 300 -35.68 3.15 9.09
CA TYR A 300 -34.98 1.88 8.88
C TYR A 300 -33.55 1.93 9.41
N VAL A 301 -32.92 3.10 9.32
CA VAL A 301 -31.61 3.30 9.92
C VAL A 301 -31.70 3.14 11.43
N ALA A 302 -32.74 3.72 12.01
CA ALA A 302 -32.99 3.61 13.44
C ALA A 302 -33.22 2.16 13.83
N LYS A 303 -34.07 1.47 13.06
CA LYS A 303 -34.40 0.08 13.31
C LYS A 303 -33.17 -0.82 13.39
N TYR A 304 -32.21 -0.60 12.51
CA TYR A 304 -30.99 -1.41 12.47
C TYR A 304 -30.10 -1.11 13.66
N LEU A 305 -30.18 0.12 14.16
CA LEU A 305 -29.36 0.53 15.29
C LEU A 305 -29.84 -0.13 16.57
N GLU A 306 -31.10 -0.56 16.57
CA GLU A 306 -31.66 -1.29 17.71
C GLU A 306 -31.16 -2.73 17.69
N VAL A 307 -30.95 -3.26 16.49
CA VAL A 307 -30.45 -4.61 16.30
C VAL A 307 -29.04 -4.74 16.87
N ILE A 308 -28.24 -3.70 16.70
CA ILE A 308 -26.86 -3.69 17.17
C ILE A 308 -26.78 -3.85 18.69
N GLU A 309 -27.52 -3.01 19.41
CA GLU A 309 -27.53 -3.04 20.87
C GLU A 309 -28.06 -4.36 21.40
N ALA A 310 -28.92 -5.00 20.62
CA ALA A 310 -29.50 -6.28 21.02
C ALA A 310 -28.55 -7.44 20.72
N THR A 311 -27.69 -7.26 19.73
CA THR A 311 -26.78 -8.32 19.31
C THR A 311 -25.34 -8.09 19.79
N LYS A 312 -25.18 -7.19 20.75
CA LYS A 312 -23.86 -6.88 21.29
C LYS A 312 -23.26 -8.06 22.05
N ASN A 313 -24.11 -8.81 22.74
CA ASN A 313 -23.64 -9.86 23.64
C ASN A 313 -24.32 -11.22 23.48
N ASP A 314 -24.05 -11.88 22.37
CA ASP A 314 -24.40 -13.30 22.20
C ASP A 314 -23.17 -14.03 21.68
N GLU A 315 -22.81 -15.12 22.33
CA GLU A 315 -21.60 -15.85 22.00
C GLU A 315 -21.89 -17.01 21.05
N SER A 316 -23.16 -17.29 20.84
CA SER A 316 -23.57 -18.22 19.78
C SER A 316 -23.40 -17.50 18.45
N ILE A 317 -23.47 -16.17 18.50
CA ILE A 317 -23.10 -15.34 17.36
C ILE A 317 -21.59 -15.39 17.19
N SER A 318 -21.14 -15.53 15.94
CA SER A 318 -19.71 -15.51 15.66
C SER A 318 -19.09 -14.19 16.09
N LEU A 319 -17.84 -14.23 16.51
CA LEU A 319 -17.11 -13.01 16.79
C LEU A 319 -16.96 -12.22 15.48
N ASP A 320 -16.82 -12.96 14.38
CA ASP A 320 -16.72 -12.37 13.05
C ASP A 320 -18.03 -11.73 12.61
N LEU A 321 -19.14 -12.46 12.78
CA LEU A 321 -20.46 -11.94 12.40
C LEU A 321 -20.80 -10.72 13.24
N ARG A 322 -20.35 -10.71 14.49
CA ARG A 322 -20.57 -9.60 15.39
C ARG A 322 -19.76 -8.38 14.91
N LYS A 323 -18.60 -8.65 14.33
CA LYS A 323 -17.79 -7.61 13.70
C LYS A 323 -18.48 -7.11 12.43
N TYR A 324 -18.98 -8.05 11.64
CA TYR A 324 -19.59 -7.74 10.36
C TYR A 324 -20.85 -6.91 10.50
N LEU A 325 -21.59 -7.13 11.58
CA LEU A 325 -22.79 -6.35 11.87
C LEU A 325 -22.41 -4.91 12.22
N ASP A 326 -21.35 -4.76 13.00
CA ASP A 326 -20.83 -3.44 13.38
C ASP A 326 -20.26 -2.70 12.17
N ALA A 327 -19.64 -3.44 11.26
CA ALA A 327 -19.03 -2.86 10.08
C ALA A 327 -20.08 -2.35 9.08
N MET A 328 -21.32 -2.79 9.29
CA MET A 328 -22.41 -2.40 8.40
C MET A 328 -22.87 -0.98 8.70
N LEU A 329 -22.59 -0.50 9.91
CA LEU A 329 -22.91 0.87 10.31
C LEU A 329 -22.22 1.89 9.42
N TYR A 330 -20.92 1.67 9.19
CA TYR A 330 -20.11 2.62 8.46
C TYR A 330 -20.30 2.49 6.95
N SER A 331 -20.99 1.43 6.54
CA SER A 331 -21.39 1.28 5.14
C SER A 331 -22.60 2.17 4.88
N ILE A 332 -23.35 2.46 5.94
CA ILE A 332 -24.50 3.34 5.85
C ILE A 332 -24.05 4.80 5.84
N SER A 333 -23.22 5.16 6.80
CA SER A 333 -22.68 6.52 6.88
C SER A 333 -21.75 6.79 5.70
N GLY A 334 -21.09 5.75 5.23
CA GLY A 334 -20.20 5.86 4.09
C GLY A 334 -20.96 6.08 2.79
N ASN A 335 -22.07 5.38 2.63
CA ASN A 335 -22.90 5.52 1.43
C ASN A 335 -23.50 6.92 1.32
N VAL A 336 -23.73 7.55 2.47
CA VAL A 336 -24.29 8.89 2.51
C VAL A 336 -23.31 9.94 1.99
N VAL A 337 -22.13 9.98 2.60
CA VAL A 337 -21.13 10.99 2.25
C VAL A 337 -20.55 10.78 0.85
N TRP A 338 -20.56 9.53 0.39
CA TRP A 338 -20.04 9.20 -0.93
C TRP A 338 -21.00 9.63 -2.03
N SER A 339 -22.27 9.25 -1.88
CA SER A 339 -23.28 9.52 -2.90
C SER A 339 -23.57 11.01 -3.05
N LEU A 340 -23.24 11.79 -2.02
CA LEU A 340 -23.49 13.22 -2.05
C LEU A 340 -22.39 13.97 -2.81
N GLU A 341 -21.27 13.30 -3.07
CA GLU A 341 -20.13 13.95 -3.73
C GLU A 341 -19.63 13.21 -4.96
N CYS A 342 -19.88 11.91 -5.03
CA CYS A 342 -19.31 11.08 -6.10
C CYS A 342 -19.73 11.55 -7.48
N PRO A 343 -18.77 11.61 -8.42
CA PRO A 343 -18.99 11.99 -9.81
C PRO A 343 -19.99 11.09 -10.52
N ARG A 344 -20.18 9.88 -10.02
CA ARG A 344 -21.14 8.94 -10.57
C ARG A 344 -22.57 9.50 -10.53
N TYR A 345 -22.93 10.11 -9.41
CA TYR A 345 -24.25 10.70 -9.25
C TYR A 345 -24.18 12.22 -9.42
N ASN A 346 -22.98 12.77 -9.29
CA ASN A 346 -22.77 14.21 -9.41
C ASN A 346 -21.75 14.54 -10.50
N PRO A 347 -22.23 14.64 -11.75
CA PRO A 347 -21.40 14.84 -12.95
C PRO A 347 -20.44 16.02 -12.86
N ASP A 348 -20.90 17.14 -12.33
CA ASP A 348 -20.10 18.36 -12.26
C ASP A 348 -18.90 18.25 -11.32
N VAL A 349 -18.91 17.24 -10.46
CA VAL A 349 -17.80 17.03 -9.52
C VAL A 349 -16.59 16.42 -10.23
N SER A 350 -15.43 17.06 -10.07
CA SER A 350 -14.20 16.57 -10.68
C SER A 350 -13.38 15.75 -9.68
N PHE A 351 -12.43 14.97 -10.19
CA PHE A 351 -11.60 14.10 -9.36
C PHE A 351 -10.47 14.87 -8.67
N ASN A 352 -9.55 14.12 -8.06
CA ASN A 352 -8.37 14.70 -7.45
C ASN A 352 -7.33 15.08 -8.48
N LYS A 353 -6.31 15.83 -8.06
CA LYS A 353 -5.13 16.03 -8.88
C LYS A 353 -4.45 14.68 -9.02
N THR A 354 -4.35 13.97 -7.90
CA THR A 354 -3.71 12.67 -7.83
C THR A 354 -4.48 11.61 -8.63
N GLN A 355 -5.81 11.62 -8.47
CA GLN A 355 -6.66 10.66 -9.16
C GLN A 355 -6.58 10.84 -10.68
N LEU A 356 -6.66 12.09 -11.13
CA LEU A 356 -6.55 12.39 -12.55
C LEU A 356 -5.17 11.99 -13.08
N GLU A 357 -4.11 12.47 -12.43
CA GLU A 357 -2.73 12.20 -12.85
C GLU A 357 -2.43 10.73 -13.10
N TRP A 358 -3.24 9.84 -12.52
CA TRP A 358 -3.09 8.41 -12.75
C TRP A 358 -4.04 7.93 -13.84
N MET A 359 -5.14 8.65 -14.04
CA MET A 359 -6.08 8.32 -15.10
C MET A 359 -5.55 8.78 -16.45
N ARG A 360 -5.01 10.00 -16.47
CA ARG A 360 -4.45 10.57 -17.70
C ARG A 360 -3.07 10.00 -17.99
N GLN A 361 -2.15 10.16 -17.05
CA GLN A 361 -0.77 9.71 -17.23
C GLN A 361 -0.60 8.23 -16.90
N GLY A 362 -1.61 7.64 -16.29
CA GLY A 362 -1.58 6.23 -15.93
C GLY A 362 -0.87 5.99 -14.60
N LEU A 363 -0.77 4.72 -14.23
CA LEU A 363 -0.14 4.35 -12.96
C LEU A 363 1.35 4.11 -13.13
N GLU B 21 10.50 11.23 -15.37
CA GLU B 21 9.43 11.97 -14.73
C GLU B 21 9.03 11.32 -13.40
N PHE B 22 9.06 12.11 -12.34
CA PHE B 22 8.70 11.61 -11.01
C PHE B 22 7.20 11.46 -10.88
N LYS B 23 6.76 10.36 -10.26
CA LYS B 23 5.34 10.07 -10.18
C LYS B 23 4.88 9.67 -8.78
N TYR B 24 5.82 9.29 -7.91
CA TYR B 24 5.45 8.77 -6.60
C TYR B 24 6.16 9.47 -5.44
N SER B 25 6.88 10.55 -5.72
CA SER B 25 7.59 11.26 -4.67
C SER B 25 7.48 12.77 -4.79
N GLU B 26 7.76 13.46 -3.70
CA GLU B 26 7.76 14.92 -3.67
C GLU B 26 9.04 15.44 -3.04
N VAL B 27 9.48 16.61 -3.48
CA VAL B 27 10.70 17.21 -2.97
C VAL B 27 10.50 17.72 -1.53
N VAL B 28 11.44 17.40 -0.66
CA VAL B 28 11.41 17.87 0.72
C VAL B 28 12.04 19.26 0.82
N GLU B 29 11.36 20.17 1.53
CA GLU B 29 11.84 21.54 1.68
C GLU B 29 13.19 21.58 2.39
N PRO B 30 14.20 22.16 1.74
CA PRO B 30 15.60 22.21 2.20
C PRO B 30 15.79 22.81 3.59
N SER B 31 14.86 23.67 4.01
CA SER B 31 15.00 24.35 5.29
C SER B 31 14.56 23.50 6.47
N THR B 32 14.10 22.28 6.18
CA THR B 32 13.55 21.41 7.22
C THR B 32 14.47 20.25 7.57
N TYR B 33 15.68 20.22 7.01
CA TYR B 33 16.63 19.16 7.31
C TYR B 33 18.08 19.59 7.17
N TYR B 34 18.99 18.78 7.69
CA TYR B 34 20.41 19.02 7.54
C TYR B 34 21.02 18.01 6.56
N THR B 35 22.07 18.43 5.87
CA THR B 35 22.79 17.54 4.96
C THR B 35 24.28 17.54 5.30
N GLU B 36 24.70 18.55 6.03
CA GLU B 36 26.10 18.76 6.40
C GLU B 36 26.98 18.87 5.15
N GLY B 37 26.38 19.28 4.04
CA GLY B 37 27.07 19.41 2.78
C GLY B 37 27.65 18.10 2.26
N LEU B 38 26.87 17.04 2.37
CA LEU B 38 27.35 15.71 1.96
C LEU B 38 26.55 15.12 0.81
N CYS B 39 25.58 15.88 0.32
CA CYS B 39 24.82 15.50 -0.87
C CYS B 39 24.51 16.73 -1.71
N GLU B 40 25.52 17.58 -1.88
CA GLU B 40 25.36 18.85 -2.54
C GLU B 40 24.95 18.72 -4.00
N GLY B 41 23.94 19.48 -4.40
CA GLY B 41 23.47 19.48 -5.77
C GLY B 41 22.35 18.49 -6.02
N ILE B 42 21.91 17.83 -4.95
CA ILE B 42 20.87 16.82 -5.08
C ILE B 42 19.67 17.12 -4.18
N ASP B 43 18.48 17.08 -4.75
CA ASP B 43 17.26 17.25 -4.00
C ASP B 43 16.99 16.04 -3.11
N VAL B 44 16.25 16.26 -2.03
CA VAL B 44 15.81 15.16 -1.17
C VAL B 44 14.36 14.83 -1.46
N ARG B 45 14.12 13.62 -1.96
CA ARG B 45 12.76 13.22 -2.31
C ARG B 45 12.26 12.08 -1.44
N LYS B 46 10.98 12.14 -1.09
CA LYS B 46 10.36 11.13 -0.23
C LYS B 46 9.10 10.57 -0.88
N SER B 47 8.92 9.25 -0.78
CA SER B 47 7.76 8.58 -1.35
C SER B 47 6.45 9.05 -0.72
N LYS B 48 5.38 9.04 -1.51
CA LYS B 48 4.06 9.43 -1.04
C LYS B 48 3.42 8.31 -0.24
N PHE B 49 4.03 7.13 -0.28
CA PHE B 49 3.45 5.93 0.32
C PHE B 49 4.34 5.34 1.40
N THR B 50 4.93 6.20 2.23
CA THR B 50 5.93 5.76 3.20
C THR B 50 5.38 4.80 4.27
N THR B 51 4.06 4.77 4.42
CA THR B 51 3.42 3.88 5.38
C THR B 51 3.46 2.43 4.91
N LEU B 52 3.72 2.24 3.62
CA LEU B 52 3.84 0.91 3.05
C LEU B 52 5.17 0.28 3.43
N GLU B 53 6.18 1.12 3.66
CA GLU B 53 7.48 0.64 4.13
C GLU B 53 7.36 0.17 5.58
N ASP B 54 6.56 0.90 6.36
CA ASP B 54 6.35 0.56 7.76
C ASP B 54 5.71 -0.82 7.88
N ARG B 55 4.63 -1.03 7.14
CA ARG B 55 3.95 -2.32 7.16
C ARG B 55 4.85 -3.42 6.62
N GLY B 56 5.61 -3.11 5.58
CA GLY B 56 6.47 -4.09 4.94
C GLY B 56 7.63 -4.52 5.83
N ALA B 57 8.16 -3.57 6.60
CA ALA B 57 9.32 -3.83 7.44
C ALA B 57 8.93 -4.49 8.75
N ILE B 58 7.77 -4.11 9.28
CA ILE B 58 7.31 -4.63 10.57
C ILE B 58 6.88 -6.09 10.45
N ARG B 59 6.32 -6.46 9.30
CA ARG B 59 5.95 -7.86 9.07
C ARG B 59 7.21 -8.72 8.97
N ALA B 60 8.33 -8.10 8.63
CA ALA B 60 9.62 -8.77 8.61
C ALA B 60 10.08 -9.01 10.04
N HIS B 61 9.71 -8.09 10.93
CA HIS B 61 10.02 -8.26 12.36
C HIS B 61 9.25 -9.45 12.91
N GLU B 62 7.95 -9.49 12.62
CA GLU B 62 7.06 -10.56 13.09
C GLU B 62 7.49 -11.93 12.59
N ASP B 63 7.72 -12.03 11.28
CA ASP B 63 8.14 -13.29 10.68
C ASP B 63 9.49 -13.76 11.22
N TRP B 64 10.40 -12.81 11.43
CA TRP B 64 11.67 -13.11 12.09
C TRP B 64 11.40 -13.56 13.51
N ASN B 65 10.57 -12.80 14.22
CA ASN B 65 10.20 -13.12 15.59
C ASN B 65 9.55 -14.49 15.74
N LYS B 66 8.89 -14.94 14.68
CA LYS B 66 8.16 -16.20 14.71
C LYS B 66 9.00 -17.40 14.28
N HIS B 67 9.74 -17.25 13.19
CA HIS B 67 10.43 -18.38 12.57
C HIS B 67 11.91 -18.49 12.97
N ILE B 68 12.54 -17.38 13.30
CA ILE B 68 13.97 -17.40 13.63
C ILE B 68 14.36 -16.42 14.73
N GLY B 69 14.12 -16.81 15.98
CA GLY B 69 14.51 -16.01 17.14
C GLY B 69 13.61 -14.81 17.37
N PRO B 70 13.68 -14.21 18.57
CA PRO B 70 12.80 -13.09 18.91
C PRO B 70 13.12 -11.80 18.14
N CYS B 71 12.08 -11.02 17.85
CA CYS B 71 12.24 -9.75 17.15
C CYS B 71 11.09 -8.79 17.43
N ARG B 72 11.41 -7.55 17.78
CA ARG B 72 10.41 -6.56 18.08
C ARG B 72 11.02 -5.19 18.31
N GLU B 73 10.49 -4.18 17.61
CA GLU B 73 11.01 -2.82 17.65
C GLU B 73 12.47 -2.79 17.21
N TYR B 74 12.76 -3.42 16.07
CA TYR B 74 14.09 -3.44 15.50
C TYR B 74 14.38 -2.14 14.76
N ARG B 75 15.56 -1.59 14.99
CA ARG B 75 15.94 -0.32 14.40
C ARG B 75 16.68 -0.54 13.08
N GLY B 76 15.93 -0.73 12.00
CA GLY B 76 16.51 -1.00 10.72
C GLY B 76 16.24 0.09 9.69
N THR B 77 15.39 -0.23 8.72
CA THR B 77 15.09 0.71 7.63
C THR B 77 14.11 1.79 8.07
N LEU B 78 13.49 1.58 9.22
CA LEU B 78 12.44 2.47 9.70
C LEU B 78 12.97 3.72 10.37
N GLY B 79 12.24 4.81 10.21
CA GLY B 79 12.56 6.08 10.85
C GLY B 79 11.27 6.81 11.16
N PRO B 80 11.29 7.67 12.19
CA PRO B 80 10.09 8.40 12.62
C PRO B 80 9.63 9.41 11.58
N ARG B 81 10.56 9.86 10.75
CA ARG B 81 10.28 10.88 9.75
C ARG B 81 10.82 10.46 8.38
N PHE B 82 12.06 9.99 8.36
CA PHE B 82 12.68 9.50 7.14
C PHE B 82 12.98 8.02 7.21
N SER B 83 12.13 7.21 6.61
CA SER B 83 12.43 5.79 6.42
C SER B 83 13.34 5.65 5.22
N PHE B 84 14.25 4.66 5.26
CA PHE B 84 15.32 4.58 4.27
C PHE B 84 14.84 4.47 2.83
N ILE B 85 14.05 3.44 2.52
CA ILE B 85 13.61 3.20 1.15
C ILE B 85 12.73 4.35 0.62
N SER B 86 11.88 4.88 1.49
CA SER B 86 11.02 5.98 1.11
C SER B 86 11.81 7.22 0.67
N VAL B 87 13.05 7.32 1.13
CA VAL B 87 13.87 8.48 0.80
C VAL B 87 15.07 8.11 -0.09
N ALA B 88 15.48 6.84 -0.06
CA ALA B 88 16.58 6.40 -0.90
C ALA B 88 16.06 5.88 -2.24
N VAL B 89 14.86 5.30 -2.20
CA VAL B 89 14.16 4.88 -3.41
C VAL B 89 12.80 5.59 -3.46
N PRO B 90 12.81 6.90 -3.70
CA PRO B 90 11.58 7.71 -3.61
C PRO B 90 10.57 7.39 -4.71
N GLU B 91 11.03 6.88 -5.84
CA GLU B 91 10.17 6.57 -6.96
C GLU B 91 9.90 5.08 -7.09
N CYS B 92 9.88 4.38 -5.97
CA CYS B 92 9.58 2.95 -5.96
C CYS B 92 8.11 2.73 -6.28
N ILE B 93 7.82 1.71 -7.08
CA ILE B 93 6.45 1.37 -7.44
C ILE B 93 5.67 0.97 -6.20
N PRO B 94 4.57 1.68 -5.91
CA PRO B 94 3.75 1.53 -4.70
C PRO B 94 3.37 0.09 -4.38
N GLU B 95 3.04 -0.70 -5.40
CA GLU B 95 2.62 -2.08 -5.19
C GLU B 95 3.80 -2.99 -4.88
N ARG B 96 5.01 -2.44 -4.97
CA ARG B 96 6.22 -3.19 -4.70
C ARG B 96 6.92 -2.64 -3.46
N LEU B 97 6.41 -1.55 -2.92
CA LEU B 97 7.05 -0.83 -1.82
C LEU B 97 7.12 -1.68 -0.55
N GLU B 98 6.14 -2.57 -0.37
CA GLU B 98 6.13 -3.44 0.81
C GLU B 98 7.17 -4.55 0.70
N VAL B 99 7.21 -5.20 -0.45
CA VAL B 99 8.13 -6.30 -0.69
C VAL B 99 9.58 -5.83 -0.61
N ILE B 100 9.85 -4.67 -1.17
CA ILE B 100 11.18 -4.08 -1.15
C ILE B 100 11.58 -3.70 0.27
N SER B 101 10.61 -3.20 1.03
CA SER B 101 10.84 -2.84 2.42
C SER B 101 11.04 -4.08 3.28
N TYR B 102 10.28 -5.12 2.98
CA TYR B 102 10.40 -6.42 3.66
C TYR B 102 11.79 -7.00 3.41
N ALA B 103 12.25 -6.87 2.17
CA ALA B 103 13.55 -7.42 1.79
C ALA B 103 14.69 -6.62 2.41
N ASN B 104 14.55 -5.30 2.43
CA ASN B 104 15.59 -4.43 2.95
C ASN B 104 15.80 -4.62 4.45
N GLU B 105 14.70 -4.76 5.18
CA GLU B 105 14.75 -4.95 6.61
C GLU B 105 15.31 -6.33 6.96
N PHE B 106 15.06 -7.30 6.08
CA PHE B 106 15.59 -8.65 6.27
C PHE B 106 17.10 -8.64 6.06
N ALA B 107 17.56 -7.80 5.14
CA ALA B 107 18.99 -7.65 4.86
C ALA B 107 19.71 -7.06 6.07
N PHE B 108 19.03 -6.19 6.79
CA PHE B 108 19.57 -5.61 8.02
C PHE B 108 19.75 -6.66 9.09
N LEU B 109 18.72 -7.49 9.27
CA LEU B 109 18.74 -8.57 10.25
C LEU B 109 19.86 -9.57 9.96
N HIS B 110 20.11 -9.81 8.68
CA HIS B 110 21.14 -10.74 8.25
C HIS B 110 22.53 -10.10 8.33
N ASP B 111 22.57 -8.78 8.22
CA ASP B 111 23.82 -8.04 8.35
C ASP B 111 24.27 -8.02 9.82
N ASP B 112 23.31 -7.89 10.72
CA ASP B 112 23.58 -7.94 12.14
C ASP B 112 24.07 -9.33 12.53
N VAL B 113 23.58 -10.33 11.81
CA VAL B 113 24.02 -11.71 11.98
C VAL B 113 25.49 -11.83 11.56
N THR B 114 25.86 -11.07 10.55
CA THR B 114 27.20 -11.15 9.99
C THR B 114 28.30 -10.57 10.87
N ASP B 115 28.11 -9.37 11.41
CA ASP B 115 29.17 -8.60 12.07
C ASP B 115 28.91 -8.46 13.57
N HIS B 116 27.81 -9.03 14.05
CA HIS B 116 27.44 -8.98 15.47
C HIS B 116 27.28 -7.57 16.00
N VAL B 117 26.40 -6.80 15.39
CA VAL B 117 26.12 -5.43 15.81
C VAL B 117 24.59 -5.29 15.88
N GLY B 118 24.08 -5.01 17.06
CA GLY B 118 22.65 -5.04 17.29
C GLY B 118 21.86 -3.74 17.28
N HIS B 119 20.77 -3.72 16.52
CA HIS B 119 19.99 -2.48 16.33
C HIS B 119 18.50 -2.71 16.09
N ASP B 120 17.75 -3.00 17.16
CA ASP B 120 18.30 -3.18 18.49
C ASP B 120 17.40 -4.11 19.25
N THR B 121 16.09 -3.94 19.04
CA THR B 121 15.06 -4.71 19.74
C THR B 121 15.21 -4.58 21.25
N ASP B 149 24.81 -29.59 15.62
CA ASP B 149 24.00 -29.13 16.73
C ASP B 149 22.75 -28.41 16.24
N ILE B 150 21.65 -28.65 16.94
CA ILE B 150 20.31 -28.25 16.49
C ILE B 150 20.08 -26.74 16.52
N ARG B 151 20.05 -26.15 15.34
CA ARG B 151 19.32 -24.92 15.13
C ARG B 151 18.31 -25.23 14.04
N ARG B 152 17.18 -25.79 14.47
CA ARG B 152 16.22 -26.35 13.53
C ARG B 152 15.59 -25.23 12.71
N ALA B 153 15.34 -24.11 13.37
CA ALA B 153 14.73 -22.96 12.70
C ALA B 153 15.45 -21.65 12.94
N GLY B 154 16.59 -21.44 12.26
CA GLY B 154 17.36 -22.49 11.61
C GLY B 154 16.92 -22.90 10.24
N LYS B 155 15.86 -22.26 9.77
CA LYS B 155 15.19 -22.63 8.56
C LYS B 155 14.63 -21.38 7.93
N LYS B 156 15.50 -20.41 7.68
CA LYS B 156 15.09 -19.16 7.08
C LYS B 156 14.92 -19.34 5.57
N ARG B 157 15.06 -20.60 5.13
CA ARG B 157 14.81 -20.99 3.76
C ARG B 157 13.33 -20.82 3.41
N ILE B 158 12.48 -20.89 4.43
CA ILE B 158 11.03 -20.70 4.27
C ILE B 158 10.76 -19.28 3.74
N GLN B 159 11.73 -18.41 3.89
CA GLN B 159 11.66 -17.07 3.34
C GLN B 159 11.99 -17.07 1.85
N SER B 160 11.82 -18.23 1.22
CA SER B 160 11.77 -18.32 -0.24
C SER B 160 10.35 -17.94 -0.65
N GLN B 161 9.49 -17.82 0.35
CA GLN B 161 8.14 -17.33 0.19
C GLN B 161 8.16 -15.89 -0.32
N LEU B 162 9.24 -15.18 0.02
CA LEU B 162 9.47 -13.82 -0.45
C LEU B 162 9.52 -13.77 -1.97
N PHE B 163 10.29 -14.69 -2.55
CA PHE B 163 10.44 -14.76 -4.00
C PHE B 163 9.11 -15.10 -4.68
N LEU B 164 8.31 -15.94 -4.02
CA LEU B 164 7.02 -16.35 -4.55
C LEU B 164 6.12 -15.15 -4.84
N GLU B 165 6.04 -14.21 -3.89
CA GLU B 165 5.30 -12.98 -4.10
C GLU B 165 6.07 -12.06 -5.04
N MET B 166 7.40 -12.11 -4.94
CA MET B 166 8.26 -11.31 -5.79
C MET B 166 8.14 -11.74 -7.25
N LEU B 167 8.06 -13.05 -7.48
CA LEU B 167 7.86 -13.58 -8.82
C LEU B 167 6.45 -13.26 -9.33
N ALA B 168 5.50 -13.20 -8.41
CA ALA B 168 4.09 -12.97 -8.76
C ALA B 168 3.84 -11.53 -9.22
N ILE B 169 4.66 -10.61 -8.73
CA ILE B 169 4.52 -9.20 -9.10
C ILE B 169 5.14 -8.93 -10.47
N ASP B 170 6.45 -9.11 -10.55
CA ASP B 170 7.17 -8.91 -11.80
C ASP B 170 8.14 -10.06 -12.04
N PRO B 171 7.69 -11.08 -12.79
CA PRO B 171 8.45 -12.32 -13.06
C PRO B 171 9.85 -12.07 -13.61
N GLU B 172 9.96 -11.26 -14.66
CA GLU B 172 11.25 -11.05 -15.31
C GLU B 172 12.20 -10.19 -14.47
N CYS B 173 11.64 -9.33 -13.63
CA CYS B 173 12.45 -8.50 -12.74
C CYS B 173 12.83 -9.27 -11.48
N ALA B 174 11.97 -10.20 -11.07
CA ALA B 174 12.24 -11.01 -9.89
C ALA B 174 13.34 -12.01 -10.19
N LYS B 175 13.46 -12.41 -11.46
CA LYS B 175 14.50 -13.35 -11.88
C LYS B 175 15.86 -12.68 -11.91
N THR B 176 15.91 -11.48 -12.49
CA THR B 176 17.15 -10.71 -12.60
C THR B 176 17.68 -10.33 -11.22
N THR B 177 16.76 -10.03 -10.30
CA THR B 177 17.10 -9.62 -8.95
C THR B 177 17.80 -10.74 -8.18
N MET B 178 17.20 -11.92 -8.17
CA MET B 178 17.75 -13.07 -7.47
C MET B 178 19.12 -13.46 -8.04
N LYS B 179 19.29 -13.24 -9.34
CA LYS B 179 20.57 -13.44 -10.00
C LYS B 179 21.64 -12.54 -9.38
N SER B 180 21.26 -11.30 -9.11
CA SER B 180 22.16 -10.32 -8.51
C SER B 180 22.45 -10.69 -7.06
N TRP B 181 21.42 -11.17 -6.37
CA TRP B 181 21.57 -11.57 -4.97
C TRP B 181 22.28 -12.91 -4.86
N ALA B 182 22.32 -13.65 -5.96
CA ALA B 182 23.08 -14.90 -6.00
C ALA B 182 24.57 -14.58 -5.99
N ARG B 183 25.00 -13.77 -6.95
CA ARG B 183 26.39 -13.33 -7.05
C ARG B 183 26.80 -12.49 -5.83
N PHE B 184 25.81 -12.05 -5.07
CA PHE B 184 26.05 -11.25 -3.86
C PHE B 184 26.32 -12.15 -2.65
N VAL B 185 25.45 -13.15 -2.46
CA VAL B 185 25.57 -14.05 -1.33
C VAL B 185 26.70 -15.06 -1.51
N GLU B 186 26.76 -15.66 -2.70
CA GLU B 186 27.74 -16.71 -2.99
C GLU B 186 29.19 -16.23 -2.88
N VAL B 187 29.50 -15.13 -3.55
CA VAL B 187 30.85 -14.58 -3.51
C VAL B 187 31.06 -13.77 -2.22
N GLY B 188 29.98 -13.64 -1.45
CA GLY B 188 30.06 -13.02 -0.15
C GLY B 188 30.49 -14.04 0.89
N SER B 189 30.27 -15.31 0.58
CA SER B 189 30.68 -16.41 1.46
C SER B 189 32.16 -16.73 1.25
N SER B 190 32.75 -16.13 0.23
CA SER B 190 34.20 -16.13 0.09
C SER B 190 34.77 -15.25 1.19
N ARG B 191 35.91 -15.66 1.76
CA ARG B 191 36.49 -15.03 2.94
C ARG B 191 35.53 -15.11 4.12
N GLU B 194 37.45 -12.25 8.48
CA GLU B 194 38.06 -11.02 8.96
C GLU B 194 39.17 -10.53 8.03
N THR B 195 39.16 -9.25 7.72
CA THR B 195 40.19 -8.63 6.90
C THR B 195 40.65 -7.31 7.48
N ARG B 196 41.91 -7.23 7.87
CA ARG B 196 42.48 -6.01 8.43
C ARG B 196 43.10 -5.13 7.35
N PHE B 197 42.38 -4.09 6.96
CA PHE B 197 42.88 -3.15 5.97
C PHE B 197 43.59 -1.98 6.65
N VAL B 198 44.70 -1.54 6.07
CA VAL B 198 45.43 -0.39 6.58
C VAL B 198 45.55 0.68 5.50
N GLU B 199 45.09 0.34 4.29
CA GLU B 199 45.09 1.27 3.17
C GLU B 199 43.68 1.42 2.62
N LEU B 200 43.19 2.66 2.52
CA LEU B 200 41.83 2.91 2.08
C LEU B 200 41.62 2.50 0.63
N ALA B 201 42.69 2.56 -0.15
CA ALA B 201 42.65 2.14 -1.56
C ALA B 201 42.45 0.63 -1.66
N LYS B 202 42.73 -0.09 -0.58
CA LYS B 202 42.49 -1.52 -0.52
C LYS B 202 41.12 -1.81 0.08
N TYR B 203 40.69 -0.93 0.99
CA TYR B 203 39.44 -1.12 1.71
C TYR B 203 38.21 -0.83 0.86
N ILE B 204 38.30 0.19 0.01
CA ILE B 204 37.16 0.60 -0.82
C ILE B 204 36.66 -0.47 -1.81
N PRO B 205 37.57 -1.09 -2.60
CA PRO B 205 37.06 -2.08 -3.57
C PRO B 205 36.37 -3.27 -2.91
N TYR B 206 36.70 -3.54 -1.65
CA TYR B 206 36.04 -4.58 -0.88
C TYR B 206 34.73 -4.07 -0.27
N ARG B 207 34.80 -2.87 0.30
CA ARG B 207 33.65 -2.25 0.96
C ARG B 207 32.56 -1.88 -0.04
N ILE B 208 32.96 -1.64 -1.29
CA ILE B 208 32.02 -1.28 -2.34
C ILE B 208 31.08 -2.45 -2.64
N MET B 209 31.49 -3.65 -2.24
CA MET B 209 30.68 -4.85 -2.41
C MET B 209 30.12 -5.28 -1.06
N ASP B 210 30.69 -4.75 0.01
CA ASP B 210 30.32 -5.15 1.37
C ASP B 210 29.13 -4.37 1.89
N VAL B 211 28.93 -3.16 1.35
CA VAL B 211 27.77 -2.36 1.73
C VAL B 211 26.56 -2.77 0.87
N GLY B 212 26.83 -3.57 -0.16
CA GLY B 212 25.77 -4.17 -0.95
C GLY B 212 25.45 -3.49 -2.27
N GLU B 213 26.42 -3.45 -3.17
CA GLU B 213 26.21 -2.88 -4.51
C GLU B 213 25.30 -3.79 -5.34
N MET B 214 25.61 -5.08 -5.33
CA MET B 214 24.86 -6.06 -6.09
C MET B 214 23.47 -6.28 -5.50
N PHE B 215 23.38 -6.17 -4.17
CA PHE B 215 22.09 -6.27 -3.49
C PHE B 215 21.21 -5.06 -3.82
N TRP B 216 21.82 -3.89 -3.85
CA TRP B 216 21.11 -2.66 -4.11
C TRP B 216 20.60 -2.62 -5.56
N PHE B 217 21.42 -3.10 -6.48
CA PHE B 217 21.06 -3.14 -7.89
C PHE B 217 19.81 -4.00 -8.11
N GLY B 218 19.77 -5.18 -7.50
CA GLY B 218 18.63 -6.05 -7.61
C GLY B 218 17.40 -5.47 -6.94
N LEU B 219 17.63 -4.72 -5.86
CA LEU B 219 16.54 -4.13 -5.09
C LEU B 219 15.92 -2.94 -5.82
N VAL B 220 16.78 -2.06 -6.34
CA VAL B 220 16.32 -0.86 -7.04
C VAL B 220 15.63 -1.19 -8.35
N THR B 221 16.25 -2.04 -9.15
CA THR B 221 15.71 -2.42 -10.46
C THR B 221 14.34 -3.06 -10.34
N PHE B 222 14.11 -3.81 -9.27
CA PHE B 222 12.81 -4.43 -9.05
C PHE B 222 11.79 -3.38 -8.61
N GLY B 223 12.19 -2.52 -7.68
CA GLY B 223 11.32 -1.50 -7.15
C GLY B 223 10.93 -0.46 -8.19
N LEU B 224 11.79 -0.28 -9.18
CA LEU B 224 11.55 0.70 -10.24
C LEU B 224 11.12 0.02 -11.53
N GLY B 225 11.22 -1.31 -11.56
CA GLY B 225 10.84 -2.08 -12.74
C GLY B 225 11.74 -1.79 -13.92
N LEU B 226 13.05 -1.91 -13.69
CA LEU B 226 14.03 -1.60 -14.73
C LEU B 226 14.63 -2.85 -15.34
N HIS B 227 14.67 -2.90 -16.68
CA HIS B 227 15.27 -4.01 -17.40
C HIS B 227 16.50 -3.52 -18.16
N ILE B 228 17.67 -3.68 -17.53
CA ILE B 228 18.91 -3.21 -18.12
C ILE B 228 19.64 -4.33 -18.86
N PRO B 229 19.99 -4.09 -20.13
CA PRO B 229 20.68 -5.05 -21.00
C PRO B 229 21.92 -5.66 -20.36
N ASP B 230 22.17 -6.93 -20.65
CA ASP B 230 23.25 -7.68 -20.02
C ASP B 230 24.63 -7.22 -20.49
N HIS B 231 24.66 -6.46 -21.57
CA HIS B 231 25.92 -5.92 -22.08
C HIS B 231 26.24 -4.58 -21.44
N GLU B 232 25.27 -4.04 -20.71
CA GLU B 232 25.42 -2.75 -20.04
C GLU B 232 25.67 -2.91 -18.55
N LEU B 233 25.65 -4.16 -18.06
CA LEU B 233 25.82 -4.43 -16.64
C LEU B 233 27.19 -3.97 -16.14
N GLU B 234 28.22 -4.22 -16.93
CA GLU B 234 29.57 -3.85 -16.55
C GLU B 234 29.77 -2.34 -16.63
N LEU B 235 29.14 -1.71 -17.61
CA LEU B 235 29.18 -0.26 -17.75
C LEU B 235 28.50 0.39 -16.54
N CYS B 236 27.32 -0.12 -16.22
CA CYS B 236 26.54 0.37 -15.08
C CYS B 236 27.31 0.27 -13.76
N ARG B 237 28.07 -0.80 -13.62
CA ARG B 237 28.84 -1.07 -12.39
C ARG B 237 29.85 0.03 -12.12
N GLU B 238 30.58 0.42 -13.16
CA GLU B 238 31.65 1.39 -13.02
C GLU B 238 31.13 2.83 -13.04
N LEU B 239 29.93 3.03 -13.56
CA LEU B 239 29.28 4.34 -13.53
C LEU B 239 28.85 4.65 -12.11
N MET B 240 28.37 3.62 -11.41
CA MET B 240 27.93 3.75 -10.01
C MET B 240 29.06 4.11 -9.06
N ALA B 241 30.27 3.67 -9.40
CA ALA B 241 31.45 3.71 -8.52
C ALA B 241 31.52 4.92 -7.59
N ASN B 242 31.60 6.11 -8.18
CA ASN B 242 31.73 7.34 -7.39
C ASN B 242 30.55 7.57 -6.44
N ALA B 243 29.35 7.28 -6.91
CA ALA B 243 28.17 7.42 -6.07
C ALA B 243 28.16 6.38 -4.96
N TRP B 244 28.64 5.18 -5.28
CA TRP B 244 28.60 4.08 -4.33
C TRP B 244 29.73 4.16 -3.30
N ILE B 245 30.83 4.81 -3.69
CA ILE B 245 31.93 5.02 -2.77
C ILE B 245 31.52 6.06 -1.73
N ALA B 246 30.79 7.07 -2.19
CA ALA B 246 30.30 8.14 -1.33
C ALA B 246 29.38 7.61 -0.23
N VAL B 247 28.39 6.82 -0.61
CA VAL B 247 27.42 6.30 0.35
C VAL B 247 28.05 5.27 1.28
N GLY B 248 29.15 4.67 0.83
CA GLY B 248 29.88 3.70 1.64
C GLY B 248 30.64 4.41 2.75
N LEU B 249 31.29 5.51 2.40
CA LEU B 249 32.00 6.32 3.38
C LEU B 249 31.03 7.03 4.30
N GLN B 250 29.88 7.41 3.75
CA GLN B 250 28.81 8.04 4.52
C GLN B 250 28.35 7.13 5.66
N ASN B 251 27.99 5.90 5.30
CA ASN B 251 27.56 4.92 6.28
C ASN B 251 28.61 4.64 7.34
N ASP B 252 29.87 4.55 6.90
CA ASP B 252 30.98 4.31 7.82
C ASP B 252 31.14 5.43 8.84
N ILE B 253 30.74 6.64 8.47
CA ILE B 253 30.83 7.79 9.37
C ILE B 253 29.74 7.74 10.42
N TRP B 254 28.52 7.40 10.01
CA TRP B 254 27.37 7.42 10.92
C TRP B 254 27.15 6.09 11.63
N SER B 255 27.70 5.01 11.08
CA SER B 255 27.65 3.72 11.75
C SER B 255 28.97 3.43 12.44
N TRP B 256 29.77 4.48 12.64
CA TRP B 256 31.06 4.30 13.31
C TRP B 256 30.95 4.01 14.82
N PRO B 257 30.25 4.87 15.60
CA PRO B 257 30.14 4.58 17.04
C PRO B 257 29.47 3.24 17.26
N LYS B 258 28.50 2.92 16.41
CA LYS B 258 27.78 1.65 16.45
C LYS B 258 28.68 0.43 16.17
N GLU B 259 29.58 0.53 15.19
CA GLU B 259 30.46 -0.61 14.96
C GLU B 259 31.70 -0.56 15.85
N ARG B 260 32.01 0.62 16.35
CA ARG B 260 33.15 0.78 17.27
C ARG B 260 32.91 0.03 18.57
N ASP B 261 31.76 0.26 19.17
CA ASP B 261 31.41 -0.39 20.44
C ASP B 261 31.33 -1.90 20.30
N ALA B 262 30.75 -2.36 19.20
CA ALA B 262 30.64 -3.79 18.95
C ALA B 262 31.99 -4.45 18.88
N ALA B 263 32.93 -3.78 18.23
CA ALA B 263 34.30 -4.27 18.14
C ALA B 263 34.95 -4.31 19.51
N THR B 264 34.61 -3.31 20.33
CA THR B 264 35.12 -3.21 21.70
C THR B 264 34.51 -4.29 22.58
N LEU B 265 33.21 -4.53 22.39
CA LEU B 265 32.50 -5.57 23.11
C LEU B 265 33.10 -6.95 22.84
N HIS B 266 33.60 -7.14 21.62
CA HIS B 266 34.24 -8.39 21.25
C HIS B 266 35.74 -8.30 21.46
N GLY B 267 36.20 -7.14 21.92
CA GLY B 267 37.61 -6.94 22.24
C GLY B 267 38.53 -7.04 21.05
N LYS B 268 38.08 -6.54 19.90
CA LYS B 268 38.87 -6.57 18.68
C LYS B 268 39.82 -5.37 18.63
N ASP B 269 41.00 -5.61 18.03
CA ASP B 269 42.00 -4.55 17.90
C ASP B 269 41.77 -3.72 16.65
N HIS B 270 40.74 -4.09 15.89
CA HIS B 270 40.44 -3.40 14.64
C HIS B 270 38.94 -3.29 14.41
N VAL B 271 38.55 -2.40 13.50
CA VAL B 271 37.15 -2.25 13.11
C VAL B 271 37.04 -2.23 11.60
N VAL B 272 36.11 -3.01 11.05
CA VAL B 272 35.85 -2.98 9.62
C VAL B 272 35.12 -1.69 9.26
N ASN B 273 35.85 -0.58 9.26
CA ASN B 273 35.29 0.73 9.02
C ASN B 273 36.35 1.68 8.48
N ALA B 274 35.93 2.60 7.61
CA ALA B 274 36.85 3.52 6.96
C ALA B 274 37.57 4.42 7.95
N ILE B 275 36.88 4.78 9.03
CA ILE B 275 37.44 5.66 10.05
C ILE B 275 38.68 5.05 10.68
N TRP B 276 38.59 3.75 11.01
CA TRP B 276 39.72 3.05 11.62
C TRP B 276 40.86 2.87 10.62
N VAL B 277 40.52 2.57 9.37
CA VAL B 277 41.51 2.39 8.32
C VAL B 277 42.28 3.69 8.09
N LEU B 278 41.57 4.80 8.11
CA LEU B 278 42.18 6.11 7.93
C LEU B 278 43.06 6.49 9.12
N MET B 279 42.67 6.02 10.31
CA MET B 279 43.48 6.25 11.51
C MET B 279 44.82 5.54 11.41
N GLN B 280 44.81 4.39 10.75
CA GLN B 280 46.02 3.59 10.59
C GLN B 280 46.87 4.07 9.41
N GLU B 281 46.20 4.47 8.34
CA GLU B 281 46.88 4.89 7.11
C GLU B 281 47.60 6.22 7.27
N HIS B 282 46.99 7.14 8.03
CA HIS B 282 47.53 8.50 8.15
C HIS B 282 48.06 8.81 9.54
N GLN B 283 48.04 7.81 10.42
CA GLN B 283 48.48 7.97 11.81
C GLN B 283 47.74 9.12 12.49
N THR B 284 46.42 9.12 12.38
CA THR B 284 45.59 10.17 12.95
C THR B 284 44.58 9.57 13.94
N ASP B 285 43.81 10.43 14.59
CA ASP B 285 42.79 9.99 15.53
C ASP B 285 41.41 9.95 14.89
N VAL B 286 40.37 9.91 15.72
CA VAL B 286 39.00 9.84 15.24
C VAL B 286 38.59 11.11 14.51
N ASP B 287 38.84 12.26 15.13
CA ASP B 287 38.48 13.55 14.53
C ASP B 287 39.22 13.78 13.22
N GLY B 288 40.48 13.38 13.17
CA GLY B 288 41.28 13.53 11.97
C GLY B 288 40.78 12.63 10.85
N ALA B 289 40.48 11.39 11.20
CA ALA B 289 39.97 10.42 10.23
C ALA B 289 38.58 10.80 9.75
N MET B 290 37.80 11.42 10.63
CA MET B 290 36.46 11.87 10.28
C MET B 290 36.51 12.97 9.21
N GLN B 291 37.34 13.99 9.46
CA GLN B 291 37.43 15.13 8.55
C GLN B 291 37.96 14.72 7.18
N ILE B 292 38.89 13.76 7.16
CA ILE B 292 39.39 13.20 5.92
C ILE B 292 38.27 12.48 5.17
N CYS B 293 37.47 11.73 5.90
CA CYS B 293 36.39 10.95 5.31
C CYS B 293 35.31 11.84 4.70
N ARG B 294 34.91 12.88 5.42
CA ARG B 294 33.91 13.82 4.94
C ARG B 294 34.42 14.57 3.70
N LYS B 295 35.72 14.82 3.67
CA LYS B 295 36.35 15.53 2.56
C LYS B 295 36.26 14.70 1.28
N LEU B 296 36.44 13.39 1.43
CA LEU B 296 36.39 12.47 0.30
C LEU B 296 34.96 12.28 -0.20
N ILE B 297 34.00 12.29 0.73
CA ILE B 297 32.59 12.16 0.37
C ILE B 297 32.14 13.30 -0.53
N VAL B 298 32.53 14.52 -0.16
CA VAL B 298 32.22 15.70 -0.96
C VAL B 298 32.80 15.59 -2.36
N GLU B 299 34.00 15.01 -2.45
CA GLU B 299 34.67 14.83 -3.74
C GLU B 299 33.92 13.87 -4.66
N TYR B 300 33.58 12.69 -4.14
CA TYR B 300 33.01 11.62 -4.95
C TYR B 300 31.53 11.85 -5.30
N VAL B 301 30.84 12.63 -4.49
CA VAL B 301 29.48 13.04 -4.83
C VAL B 301 29.54 13.96 -6.05
N ALA B 302 30.47 14.91 -6.01
CA ALA B 302 30.68 15.82 -7.13
C ALA B 302 31.21 15.06 -8.34
N LYS B 303 31.98 14.01 -8.10
CA LYS B 303 32.52 13.19 -9.18
C LYS B 303 31.43 12.44 -9.92
N TYR B 304 30.45 11.94 -9.18
CA TYR B 304 29.34 11.19 -9.79
C TYR B 304 28.40 12.11 -10.56
N LEU B 305 28.19 13.32 -10.05
CA LEU B 305 27.34 14.29 -10.72
C LEU B 305 27.93 14.69 -12.07
N GLU B 306 29.26 14.67 -12.16
CA GLU B 306 29.94 14.93 -13.43
C GLU B 306 29.79 13.75 -14.38
N VAL B 307 29.82 12.55 -13.83
CA VAL B 307 29.59 11.33 -14.61
C VAL B 307 28.17 11.34 -15.17
N ILE B 308 27.23 11.84 -14.36
CA ILE B 308 25.85 12.02 -14.79
C ILE B 308 25.77 12.98 -15.97
N GLU B 309 26.52 14.08 -15.88
CA GLU B 309 26.53 15.09 -16.94
C GLU B 309 27.17 14.58 -18.23
N ALA B 310 28.12 13.66 -18.07
CA ALA B 310 28.80 13.09 -19.24
C ALA B 310 27.87 12.18 -20.03
N THR B 311 26.92 11.57 -19.33
CA THR B 311 25.98 10.66 -19.96
C THR B 311 24.91 11.40 -20.76
N LYS B 312 24.76 12.69 -20.49
CA LYS B 312 23.77 13.52 -21.17
C LYS B 312 24.05 13.58 -22.67
N ASN B 313 25.32 13.68 -23.02
CA ASN B 313 25.74 13.72 -24.42
C ASN B 313 26.26 12.38 -24.89
N ASP B 314 25.43 11.34 -24.78
CA ASP B 314 25.78 10.00 -25.21
C ASP B 314 24.52 9.17 -25.44
N GLU B 315 24.10 9.08 -26.71
CA GLU B 315 22.85 8.40 -27.04
C GLU B 315 23.03 6.89 -27.23
N SER B 316 24.10 6.35 -26.67
CA SER B 316 24.35 4.91 -26.71
C SER B 316 24.02 4.27 -25.38
N ILE B 317 23.28 5.00 -24.54
CA ILE B 317 22.93 4.52 -23.21
C ILE B 317 21.42 4.27 -23.11
N SER B 318 21.05 3.13 -22.53
CA SER B 318 19.64 2.77 -22.35
C SER B 318 18.92 3.77 -21.46
N LEU B 319 17.61 3.91 -21.68
CA LEU B 319 16.78 4.78 -20.85
C LEU B 319 16.71 4.23 -19.44
N ASP B 320 16.69 2.91 -19.33
CA ASP B 320 16.69 2.24 -18.02
C ASP B 320 18.00 2.50 -17.26
N LEU B 321 19.11 2.54 -17.99
CA LEU B 321 20.40 2.83 -17.37
C LEU B 321 20.47 4.29 -16.93
N ARG B 322 19.89 5.18 -17.75
CA ARG B 322 19.78 6.58 -17.38
C ARG B 322 18.88 6.73 -16.16
N LYS B 323 17.77 5.99 -16.17
CA LYS B 323 16.85 5.97 -15.04
C LYS B 323 17.53 5.47 -13.78
N TYR B 324 18.32 4.41 -13.91
CA TYR B 324 19.03 3.83 -12.79
C TYR B 324 20.10 4.78 -12.28
N LEU B 325 20.72 5.51 -13.20
CA LEU B 325 21.72 6.52 -12.84
C LEU B 325 21.08 7.65 -12.04
N ASP B 326 19.87 8.03 -12.43
CA ASP B 326 19.13 9.08 -11.73
C ASP B 326 18.64 8.60 -10.37
N ALA B 327 18.44 7.28 -10.24
CA ALA B 327 18.01 6.69 -8.99
C ALA B 327 19.11 6.76 -7.95
N MET B 328 20.35 6.59 -8.38
CA MET B 328 21.50 6.64 -7.48
C MET B 328 21.71 8.04 -6.92
N LEU B 329 21.22 9.04 -7.65
CA LEU B 329 21.30 10.43 -7.22
C LEU B 329 20.59 10.63 -5.89
N TYR B 330 19.42 10.01 -5.75
CA TYR B 330 18.60 10.18 -4.56
C TYR B 330 18.87 9.10 -3.52
N SER B 331 19.69 8.11 -3.90
CA SER B 331 20.19 7.14 -2.95
C SER B 331 21.24 7.81 -2.07
N ILE B 332 21.94 8.78 -2.65
CA ILE B 332 22.93 9.57 -1.94
C ILE B 332 22.26 10.52 -0.96
N SER B 333 21.37 11.37 -1.47
CA SER B 333 20.65 12.33 -0.64
C SER B 333 19.76 11.64 0.38
N GLY B 334 19.20 10.50 -0.03
CA GLY B 334 18.34 9.72 0.84
C GLY B 334 19.10 9.14 2.02
N ASN B 335 20.32 8.67 1.77
CA ASN B 335 21.14 8.07 2.81
C ASN B 335 21.61 9.12 3.83
N VAL B 336 21.79 10.35 3.37
CA VAL B 336 22.26 11.43 4.24
C VAL B 336 21.23 11.78 5.31
N VAL B 337 20.04 12.16 4.87
CA VAL B 337 18.99 12.58 5.78
C VAL B 337 18.46 11.43 6.65
N TRP B 338 18.56 10.21 6.13
CA TRP B 338 18.11 9.05 6.87
C TRP B 338 19.06 8.73 8.03
N SER B 339 20.34 8.63 7.71
CA SER B 339 21.35 8.27 8.69
C SER B 339 21.50 9.31 9.80
N LEU B 340 21.16 10.55 9.49
CA LEU B 340 21.24 11.63 10.47
C LEU B 340 20.16 11.53 11.54
N GLU B 341 19.10 10.76 11.25
CA GLU B 341 17.96 10.70 12.14
C GLU B 341 17.50 9.28 12.48
N CYS B 342 17.98 8.29 11.72
CA CYS B 342 17.53 6.92 11.91
C CYS B 342 17.89 6.38 13.30
N PRO B 343 16.93 5.67 13.92
CA PRO B 343 17.11 5.04 15.24
C PRO B 343 18.26 4.02 15.25
N ARG B 344 18.60 3.50 14.07
CA ARG B 344 19.67 2.51 13.94
C ARG B 344 21.04 3.08 14.35
N TYR B 345 21.28 4.33 13.97
CA TYR B 345 22.57 4.96 14.25
C TYR B 345 22.42 5.98 15.38
N ASN B 346 21.17 6.35 15.67
CA ASN B 346 20.88 7.30 16.74
C ASN B 346 19.97 6.67 17.79
N PRO B 347 20.56 6.19 18.90
CA PRO B 347 19.82 5.46 19.94
C PRO B 347 18.79 6.31 20.68
N ASP B 348 18.91 7.63 20.60
CA ASP B 348 18.01 8.52 21.30
C ASP B 348 16.79 8.89 20.45
N VAL B 349 16.71 8.35 19.24
CA VAL B 349 15.58 8.60 18.34
C VAL B 349 14.52 7.52 18.48
N SER B 350 13.27 7.94 18.68
CA SER B 350 12.16 7.02 18.84
C SER B 350 11.25 7.02 17.61
N PHE B 351 10.63 5.88 17.33
CA PHE B 351 9.68 5.77 16.23
C PHE B 351 8.42 6.59 16.51
N ASN B 352 7.66 6.89 15.47
CA ASN B 352 6.38 7.56 15.66
C ASN B 352 5.33 6.58 16.16
N LYS B 353 4.20 7.11 16.64
CA LYS B 353 3.17 6.27 17.24
C LYS B 353 2.58 5.26 16.26
N THR B 354 2.47 5.65 15.00
CA THR B 354 1.91 4.77 13.97
C THR B 354 2.77 3.51 13.83
N GLN B 355 4.08 3.70 13.84
CA GLN B 355 5.02 2.58 13.78
C GLN B 355 4.98 1.78 15.08
N LEU B 356 4.90 2.49 16.20
CA LEU B 356 4.87 1.86 17.52
C LEU B 356 3.59 1.05 17.74
N GLU B 357 2.47 1.59 17.31
CA GLU B 357 1.18 0.91 17.44
C GLU B 357 1.16 -0.42 16.69
N TRP B 358 1.91 -0.49 15.59
CA TRP B 358 1.94 -1.70 14.78
C TRP B 358 2.97 -2.71 15.29
N MET B 359 3.91 -2.24 16.10
CA MET B 359 4.99 -3.10 16.58
C MET B 359 4.60 -3.94 17.79
N ARG B 360 3.71 -3.42 18.62
CA ARG B 360 3.29 -4.15 19.82
C ARG B 360 1.80 -4.50 19.80
N GLN B 361 1.00 -3.73 19.08
CA GLN B 361 -0.44 -3.96 19.03
C GLN B 361 -0.91 -4.47 17.67
N GLY B 362 -0.75 -3.63 16.64
CA GLY B 362 -1.40 -3.85 15.36
C GLY B 362 -0.73 -4.78 14.36
N LEU B 363 -0.66 -4.31 13.12
CA LEU B 363 -0.24 -5.10 11.96
C LEU B 363 -1.14 -6.33 11.80
P1 210 C . -28.04 0.19 -8.99
O2 210 C . -27.89 -1.30 -8.85
O3 210 C . -28.36 0.62 -10.39
O5 210 C . -28.95 0.78 -7.93
C7 210 C . -26.39 0.84 -8.58
P8 210 C . -26.13 2.53 -9.20
O9 210 C . -26.88 3.42 -8.25
O10 210 C . -26.64 2.57 -10.62
O12 210 C . -24.63 2.70 -9.14
O14 210 C . -25.40 -0.02 -9.14
C16 210 C . -26.25 0.88 -7.06
C19 210 C . -25.79 -0.46 -6.52
N22 210 C . -25.13 -0.26 -5.24
CL CL D . -26.66 17.79 6.78
MG MG E . -28.66 -1.43 -11.98
MG MG F . -27.43 1.01 -11.78
MG MG G . -29.17 3.12 -8.40
MG MG H . 26.99 -4.21 9.99
MG MG I . 28.44 -5.48 8.02
MG MG J . 28.13 0.52 8.79
P1 210 K . 27.31 -1.86 7.13
O2 210 K . 28.05 -0.57 7.44
O3 210 K . 27.39 -2.25 5.68
O5 210 K . 27.62 -3.00 8.07
C7 210 K . 25.56 -1.44 7.41
P8 210 K . 25.30 -0.91 9.13
O9 210 K . 25.99 -1.95 9.98
O10 210 K . 25.93 0.46 9.20
O12 210 K . 23.80 -0.91 9.29
O14 210 K . 24.75 -2.59 7.14
C16 210 K . 25.16 -0.29 6.48
C19 210 K . 24.61 -0.82 5.16
N22 210 K . 23.80 0.22 4.54
CL CL L . 23.38 21.00 6.79
#